data_2HQB
#
_entry.id   2HQB
#
_cell.length_a   90.117
_cell.length_b   90.117
_cell.length_c   242.826
_cell.angle_alpha   90.00
_cell.angle_beta   90.00
_cell.angle_gamma   120.00
#
_symmetry.space_group_name_H-M   'P 65 2 2'
#
loop_
_entity.id
_entity.type
_entity.pdbx_description
1 polymer 'Transcriptional activator of comK gene'
2 water water
#
_entity_poly.entity_id   1
_entity_poly.type   'polypeptide(L)'
_entity_poly.pdbx_seq_one_letter_code
;GGGGGG(MSE)VGLLVEDTIDDQGWNRKAYEGLLNIHSNLDVDVVLEEGVNSEQKAHRRIKELVDGGVNLIFGHGHAFAE
YFSTIHNQYPDVHFVSFNGEVKGENITSLHFEGYA(MSE)GYFGG(MSE)VAAS(MSE)SETHKVGVIAAFPWQPEVEGF
VDGAKY(MSE)NESEAFVRYVGEWTDADKALELFQELQKEQVDVFYPAGDGYHVPVVEAIKDQGDFAIGYVGDQADLGGS
TILTSTVQHVDDLYVLVAKRFQEGKLESGNLYYDFQDGVVSLGEFSSVVPDEVREQITDAISTYIQTGQFPHEEER
;
_entity_poly.pdbx_strand_id   A
#
# COMPACT_ATOMS: atom_id res chain seq x y z
N GLY A 6 10.91 14.30 -20.48
CA GLY A 6 9.77 13.71 -19.71
C GLY A 6 8.73 13.07 -20.63
N MSE A 7 8.75 11.75 -20.68
CA MSE A 7 7.79 10.94 -21.43
C MSE A 7 7.80 9.61 -20.67
O MSE A 7 8.78 8.83 -20.75
CB MSE A 7 8.23 10.71 -22.86
CG MSE A 7 7.07 10.92 -23.82
SE MSE A 7 6.99 9.62 -25.29
CE MSE A 7 5.06 9.32 -25.39
N VAL A 8 6.72 9.38 -19.92
CA VAL A 8 6.63 8.21 -19.06
C VAL A 8 5.91 6.95 -19.52
N GLY A 9 6.56 5.83 -19.30
CA GLY A 9 5.97 4.54 -19.64
C GLY A 9 5.67 3.75 -18.36
N LEU A 10 4.69 2.85 -18.42
CA LEU A 10 4.36 2.02 -17.28
C LEU A 10 4.20 0.58 -17.72
N LEU A 11 4.88 -0.32 -17.05
CA LEU A 11 4.71 -1.72 -17.36
C LEU A 11 3.87 -2.21 -16.20
N VAL A 12 2.89 -3.06 -16.50
CA VAL A 12 2.02 -3.60 -15.48
C VAL A 12 1.77 -5.08 -15.79
N GLU A 13 1.61 -5.91 -14.78
CA GLU A 13 1.40 -7.34 -15.04
C GLU A 13 0.02 -7.73 -14.55
N ASP A 14 -0.47 -8.89 -14.98
CA ASP A 14 -1.81 -9.32 -14.58
C ASP A 14 -2.03 -9.52 -13.06
N THR A 15 -3.02 -8.82 -12.48
CA THR A 15 -3.39 -8.84 -11.03
C THR A 15 -2.93 -10.05 -10.14
N GLY A 20 -0.16 -3.79 -5.31
CA GLY A 20 -1.41 -4.55 -5.42
C GLY A 20 -2.36 -4.25 -6.62
N TRP A 21 -3.52 -3.66 -6.30
CA TRP A 21 -4.51 -3.24 -7.30
C TRP A 21 -3.72 -2.36 -8.37
N ASN A 22 -3.52 -2.88 -9.58
CA ASN A 22 -2.80 -2.11 -10.61
C ASN A 22 -3.56 -0.86 -11.01
N ARG A 23 -4.72 -0.61 -10.41
CA ARG A 23 -5.49 0.56 -10.80
C ARG A 23 -4.86 1.77 -10.15
N LYS A 24 -4.29 1.57 -8.97
CA LYS A 24 -3.61 2.67 -8.30
C LYS A 24 -2.38 3.07 -9.16
N ALA A 25 -1.91 2.19 -10.04
CA ALA A 25 -0.80 2.57 -10.92
C ALA A 25 -1.37 3.28 -12.15
N TYR A 26 -2.52 2.82 -12.65
CA TYR A 26 -3.20 3.46 -13.80
C TYR A 26 -3.54 4.89 -13.42
N GLU A 27 -4.14 5.09 -12.27
CA GLU A 27 -4.44 6.45 -11.92
C GLU A 27 -3.17 7.25 -11.71
N GLY A 28 -2.09 6.56 -11.31
CA GLY A 28 -0.82 7.23 -11.08
C GLY A 28 -0.29 7.76 -12.39
N LEU A 29 -0.23 6.91 -13.40
CA LEU A 29 0.25 7.33 -14.71
C LEU A 29 -0.68 8.43 -15.22
N LEU A 30 -1.99 8.31 -15.01
CA LEU A 30 -2.93 9.32 -15.46
C LEU A 30 -2.65 10.69 -14.84
N ASN A 31 -2.28 10.74 -13.57
CA ASN A 31 -2.01 12.02 -12.94
C ASN A 31 -0.64 12.55 -13.36
N ILE A 32 0.28 11.64 -13.67
CA ILE A 32 1.61 12.03 -14.13
C ILE A 32 1.35 12.89 -15.38
N HIS A 33 0.67 12.33 -16.38
CA HIS A 33 0.36 13.07 -17.60
C HIS A 33 -0.54 14.27 -17.34
N SER A 34 -1.25 14.23 -16.23
CA SER A 34 -2.15 15.32 -15.91
C SER A 34 -1.51 16.45 -15.10
N ASN A 35 -0.93 16.13 -13.93
CA ASN A 35 -0.30 17.13 -13.07
C ASN A 35 1.09 17.65 -13.52
N LEU A 36 1.74 16.89 -14.39
CA LEU A 36 3.01 17.27 -14.99
C LEU A 36 2.55 17.41 -16.45
N ASP A 37 3.41 17.75 -17.39
CA ASP A 37 2.90 17.94 -18.74
C ASP A 37 3.47 16.95 -19.74
N VAL A 38 3.68 15.73 -19.30
CA VAL A 38 4.30 14.77 -20.17
C VAL A 38 3.36 13.84 -20.89
N ASP A 39 3.90 13.09 -21.82
CA ASP A 39 3.12 12.13 -22.56
C ASP A 39 3.34 10.80 -21.85
N VAL A 40 2.24 10.09 -21.65
CA VAL A 40 2.26 8.85 -20.91
C VAL A 40 1.92 7.67 -21.80
N VAL A 41 2.50 6.50 -21.52
CA VAL A 41 2.20 5.28 -22.29
C VAL A 41 2.22 4.08 -21.37
N LEU A 42 1.23 3.21 -21.56
CA LEU A 42 1.04 2.05 -20.72
C LEU A 42 1.12 0.77 -21.48
N GLU A 43 1.78 -0.23 -20.94
CA GLU A 43 1.87 -1.54 -21.58
C GLU A 43 1.31 -2.49 -20.51
N GLU A 44 0.33 -3.31 -20.88
CA GLU A 44 -0.30 -4.21 -19.94
C GLU A 44 0.07 -5.65 -20.29
N GLY A 45 -0.23 -6.61 -19.41
CA GLY A 45 0.09 -8.03 -19.65
C GLY A 45 1.57 -8.35 -19.71
N VAL A 46 2.41 -7.47 -19.17
CA VAL A 46 3.84 -7.70 -19.21
C VAL A 46 4.09 -8.74 -18.12
N ASN A 47 4.13 -10.01 -18.52
CA ASN A 47 4.30 -11.10 -17.55
C ASN A 47 5.61 -11.93 -17.53
N SER A 48 6.62 -11.52 -18.30
CA SER A 48 7.89 -12.25 -18.30
C SER A 48 9.03 -11.32 -18.59
N GLU A 49 10.25 -11.72 -18.26
CA GLU A 49 11.37 -10.87 -18.59
C GLU A 49 11.28 -10.58 -20.10
N GLN A 50 11.06 -11.64 -20.89
CA GLN A 50 10.95 -11.58 -22.34
C GLN A 50 10.12 -10.39 -22.81
N LYS A 51 8.84 -10.40 -22.44
CA LYS A 51 7.92 -9.34 -22.84
C LYS A 51 8.40 -8.01 -22.30
N ALA A 52 8.78 -8.00 -21.04
CA ALA A 52 9.23 -6.78 -20.40
C ALA A 52 10.34 -6.17 -21.23
N HIS A 53 11.32 -6.98 -21.64
CA HIS A 53 12.42 -6.45 -22.44
C HIS A 53 11.99 -5.91 -23.80
N ARG A 54 11.12 -6.64 -24.50
CA ARG A 54 10.62 -6.20 -25.78
C ARG A 54 9.86 -4.87 -25.62
N ARG A 55 8.93 -4.81 -24.67
CA ARG A 55 8.13 -3.61 -24.49
C ARG A 55 8.95 -2.42 -24.02
N ILE A 56 10.19 -2.66 -23.63
CA ILE A 56 11.04 -1.58 -23.17
C ILE A 56 11.70 -0.98 -24.40
N LYS A 57 11.89 -1.83 -25.40
CA LYS A 57 12.51 -1.41 -26.64
C LYS A 57 11.54 -0.48 -27.32
N GLU A 58 10.30 -0.93 -27.49
CA GLU A 58 9.30 -0.08 -28.12
C GLU A 58 9.21 1.24 -27.36
N LEU A 59 9.04 1.17 -26.05
CA LEU A 59 8.89 2.38 -25.25
C LEU A 59 9.98 3.42 -25.46
N VAL A 60 11.23 2.98 -25.41
CA VAL A 60 12.33 3.91 -25.59
C VAL A 60 12.49 4.30 -27.05
N ASP A 61 12.01 3.41 -27.92
CA ASP A 61 12.03 3.67 -29.35
C ASP A 61 11.06 4.81 -29.58
N GLY A 62 9.89 4.71 -28.95
CA GLY A 62 8.85 5.72 -29.07
C GLY A 62 9.29 7.00 -28.40
N GLY A 63 10.33 6.90 -27.57
CA GLY A 63 10.81 8.08 -26.92
C GLY A 63 10.42 8.24 -25.49
N VAL A 64 10.34 7.14 -24.75
CA VAL A 64 10.01 7.26 -23.34
C VAL A 64 11.38 7.34 -22.71
N ASN A 65 11.49 8.08 -21.63
CA ASN A 65 12.80 8.14 -21.02
C ASN A 65 12.69 7.77 -19.55
N LEU A 66 11.46 7.70 -19.02
CA LEU A 66 11.22 7.28 -17.62
C LEU A 66 10.23 6.09 -17.63
N ILE A 67 10.68 4.93 -17.18
CA ILE A 67 9.86 3.73 -17.19
C ILE A 67 9.54 3.14 -15.80
N PHE A 68 8.25 3.00 -15.48
CA PHE A 68 7.83 2.40 -14.20
C PHE A 68 7.44 0.94 -14.38
N GLY A 69 7.64 0.17 -13.32
CA GLY A 69 7.30 -1.26 -13.32
C GLY A 69 6.51 -1.48 -12.04
N HIS A 70 5.24 -1.80 -12.19
CA HIS A 70 4.44 -1.94 -11.00
C HIS A 70 4.51 -3.34 -10.44
N GLY A 71 5.39 -3.52 -9.48
CA GLY A 71 5.52 -4.81 -8.93
C GLY A 71 6.94 -5.20 -8.68
N HIS A 72 7.12 -6.14 -7.78
CA HIS A 72 8.43 -6.59 -7.38
C HIS A 72 9.32 -7.24 -8.46
N ALA A 73 8.69 -7.81 -9.48
CA ALA A 73 9.46 -8.50 -10.50
C ALA A 73 10.06 -7.64 -11.58
N PHE A 74 9.56 -6.42 -11.66
CA PHE A 74 10.01 -5.45 -12.63
C PHE A 74 11.42 -4.98 -12.27
N ALA A 75 11.77 -5.10 -11.00
CA ALA A 75 13.06 -4.67 -10.55
C ALA A 75 14.08 -5.60 -11.18
N GLU A 76 13.83 -6.89 -11.12
CA GLU A 76 14.74 -7.84 -11.72
C GLU A 76 14.76 -7.66 -13.25
N TYR A 77 13.59 -7.42 -13.83
CA TYR A 77 13.45 -7.20 -15.27
C TYR A 77 14.31 -5.99 -15.68
N PHE A 78 14.22 -4.91 -14.92
CA PHE A 78 14.96 -3.70 -15.22
C PHE A 78 16.45 -3.86 -14.97
N SER A 79 16.79 -4.74 -14.03
CA SER A 79 18.20 -4.92 -13.71
C SER A 79 18.98 -5.61 -14.80
N THR A 80 18.31 -6.47 -15.55
CA THR A 80 18.97 -7.20 -16.61
C THR A 80 18.95 -6.40 -17.88
N ILE A 81 18.67 -5.11 -17.78
CA ILE A 81 18.59 -4.30 -18.98
C ILE A 81 18.90 -2.81 -18.77
N HIS A 82 19.00 -2.35 -17.52
CA HIS A 82 19.21 -0.93 -17.25
C HIS A 82 20.54 -0.38 -17.68
N ASN A 83 21.45 -1.25 -18.10
CA ASN A 83 22.77 -0.80 -18.51
C ASN A 83 22.90 -0.57 -19.99
N GLN A 84 21.93 -1.03 -20.78
CA GLN A 84 21.99 -0.80 -22.21
C GLN A 84 21.10 0.37 -22.58
N TYR A 85 20.55 1.02 -21.55
CA TYR A 85 19.68 2.15 -21.74
C TYR A 85 20.11 3.20 -20.75
N PRO A 86 21.35 3.67 -20.87
CA PRO A 86 21.82 4.69 -19.93
C PRO A 86 21.01 5.98 -19.95
N ASP A 87 20.47 6.28 -21.12
CA ASP A 87 19.70 7.50 -21.34
C ASP A 87 18.25 7.41 -20.81
N VAL A 88 17.93 6.27 -20.18
CA VAL A 88 16.60 5.95 -19.66
C VAL A 88 16.67 5.54 -18.19
N HIS A 89 15.78 6.08 -17.38
CA HIS A 89 15.74 5.75 -15.96
C HIS A 89 14.63 4.72 -15.65
N PHE A 90 14.92 3.79 -14.76
CA PHE A 90 13.97 2.76 -14.45
C PHE A 90 13.52 2.74 -12.99
N VAL A 91 12.21 2.87 -12.75
CA VAL A 91 11.71 2.82 -11.39
C VAL A 91 10.89 1.53 -11.25
N SER A 92 11.06 0.83 -10.15
CA SER A 92 10.30 -0.40 -9.93
C SER A 92 9.54 -0.18 -8.65
N PHE A 93 8.41 -0.84 -8.53
CA PHE A 93 7.69 -0.75 -7.29
C PHE A 93 8.04 -2.02 -6.52
N ASN A 94 8.83 -1.89 -5.47
CA ASN A 94 9.21 -3.02 -4.59
C ASN A 94 10.39 -3.92 -4.79
N GLY A 95 11.13 -3.84 -5.87
CA GLY A 95 12.24 -4.78 -5.90
C GLY A 95 13.48 -4.24 -5.18
N GLU A 96 14.60 -4.92 -5.33
CA GLU A 96 15.84 -4.49 -4.75
C GLU A 96 16.67 -4.09 -5.98
N VAL A 97 17.21 -2.88 -6.00
CA VAL A 97 17.96 -2.46 -7.19
C VAL A 97 19.29 -1.73 -6.89
N LYS A 98 20.30 -1.91 -7.75
CA LYS A 98 21.59 -1.23 -7.56
C LYS A 98 22.04 -0.64 -8.89
N GLY A 99 22.34 0.65 -8.91
CA GLY A 99 22.75 1.21 -10.16
C GLY A 99 22.46 2.69 -10.20
N GLU A 100 22.70 3.28 -11.35
CA GLU A 100 22.48 4.68 -11.43
C GLU A 100 21.19 5.10 -12.07
N ASN A 101 20.79 4.50 -13.19
CA ASN A 101 19.53 4.92 -13.80
C ASN A 101 18.38 3.96 -13.42
N ILE A 102 18.46 3.43 -12.20
CA ILE A 102 17.48 2.48 -11.71
C ILE A 102 17.17 2.80 -10.26
N THR A 103 15.89 2.83 -9.92
CA THR A 103 15.40 3.12 -8.57
C THR A 103 14.35 2.09 -8.15
N SER A 104 13.97 2.07 -6.87
CA SER A 104 12.91 1.17 -6.40
C SER A 104 12.14 1.88 -5.31
N LEU A 105 10.84 1.70 -5.31
CA LEU A 105 10.00 2.36 -4.34
C LEU A 105 9.41 1.37 -3.35
N HIS A 106 9.35 1.78 -2.09
CA HIS A 106 8.77 0.95 -1.03
C HIS A 106 7.94 1.77 -0.04
N PHE A 107 6.80 1.23 0.36
CA PHE A 107 5.97 1.92 1.34
C PHE A 107 6.30 1.31 2.68
N GLU A 108 6.42 2.20 3.66
CA GLU A 108 6.75 1.79 5.00
C GLU A 108 5.45 1.32 5.64
N GLY A 109 5.43 0.08 6.11
CA GLY A 109 4.21 -0.47 6.68
C GLY A 109 3.89 -0.47 8.17
N TYR A 110 4.91 -0.65 9.02
CA TYR A 110 4.68 -0.68 10.47
C TYR A 110 3.85 0.49 11.01
N ALA A 111 4.27 1.73 10.76
CA ALA A 111 3.56 2.90 11.25
C ALA A 111 2.06 2.84 11.02
N MSE A 112 1.66 2.89 9.76
CA MSE A 112 0.23 2.87 9.45
C MSE A 112 -0.52 1.76 10.15
O MSE A 112 -1.66 1.93 10.53
CB MSE A 112 0.02 2.78 7.94
CG MSE A 112 0.07 1.37 7.34
SE MSE A 112 -0.07 1.42 5.35
CE MSE A 112 0.09 -0.48 5.04
N GLY A 113 0.12 0.61 10.32
CA GLY A 113 -0.57 -0.49 10.97
C GLY A 113 -0.80 -0.22 12.44
N TYR A 114 0.18 0.42 13.04
CA TYR A 114 0.14 0.75 14.45
C TYR A 114 -1.06 1.65 14.68
N PHE A 115 -1.00 2.86 14.13
CA PHE A 115 -2.10 3.82 14.29
C PHE A 115 -3.46 3.24 13.95
N GLY A 116 -3.49 2.37 12.93
CA GLY A 116 -4.73 1.74 12.52
C GLY A 116 -5.18 0.82 13.64
N GLY A 117 -4.21 0.11 14.22
CA GLY A 117 -4.50 -0.77 15.33
C GLY A 117 -4.98 -0.02 16.57
N MSE A 118 -4.57 1.24 16.75
CA MSE A 118 -5.08 1.97 17.92
C MSE A 118 -6.59 2.15 17.76
O MSE A 118 -7.37 1.79 18.66
CB MSE A 118 -4.42 3.33 18.09
CG MSE A 118 -3.02 3.32 18.70
SE MSE A 118 -2.05 5.03 18.38
CE MSE A 118 -3.18 6.27 19.39
N VAL A 119 -7.00 2.67 16.61
CA VAL A 119 -8.42 2.85 16.34
C VAL A 119 -9.11 1.50 16.50
N ALA A 120 -8.55 0.49 15.86
CA ALA A 120 -9.13 -0.84 15.92
C ALA A 120 -9.51 -1.23 17.35
N ALA A 121 -8.52 -1.25 18.24
CA ALA A 121 -8.74 -1.61 19.63
C ALA A 121 -9.69 -0.64 20.33
N SER A 122 -9.42 0.65 20.22
CA SER A 122 -10.30 1.63 20.83
C SER A 122 -11.75 1.36 20.49
N MSE A 123 -12.02 0.91 19.29
CA MSE A 123 -13.38 0.66 18.88
C MSE A 123 -13.85 -0.75 19.12
O MSE A 123 -14.86 -1.18 18.55
CB MSE A 123 -13.54 0.99 17.40
CG MSE A 123 -13.46 2.46 17.13
SE MSE A 123 -14.79 3.32 18.25
CE MSE A 123 -16.37 2.71 17.30
N SER A 124 -13.14 -1.48 19.97
CA SER A 124 -13.52 -2.84 20.22
C SER A 124 -14.29 -2.97 21.51
N GLU A 125 -15.29 -3.83 21.46
CA GLU A 125 -16.09 -4.12 22.63
C GLU A 125 -15.44 -5.26 23.40
N THR A 126 -15.07 -6.32 22.68
CA THR A 126 -14.44 -7.49 23.28
C THR A 126 -12.95 -7.37 23.48
N HIS A 127 -12.40 -6.19 23.30
CA HIS A 127 -10.95 -6.05 23.45
C HIS A 127 -10.23 -7.20 22.75
N LYS A 128 -10.76 -7.57 21.59
CA LYS A 128 -10.22 -8.63 20.75
C LYS A 128 -10.22 -8.19 19.28
N VAL A 129 -9.05 -7.80 18.78
CA VAL A 129 -8.91 -7.34 17.41
C VAL A 129 -8.15 -8.41 16.62
N GLY A 130 -8.33 -8.40 15.30
CA GLY A 130 -7.65 -9.37 14.46
C GLY A 130 -7.17 -8.93 13.09
N VAL A 131 -6.06 -9.54 12.67
CA VAL A 131 -5.48 -9.29 11.37
C VAL A 131 -5.55 -10.55 10.54
N ILE A 132 -6.06 -10.44 9.31
CA ILE A 132 -6.07 -11.58 8.36
C ILE A 132 -5.13 -11.09 7.24
N ALA A 133 -3.87 -11.48 7.31
CA ALA A 133 -2.91 -11.06 6.32
C ALA A 133 -2.47 -12.23 5.46
N ALA A 134 -1.56 -11.97 4.53
CA ALA A 134 -1.11 -13.01 3.63
C ALA A 134 0.16 -13.65 4.17
N PHE A 135 1.12 -12.80 4.54
CA PHE A 135 2.38 -13.31 5.05
C PHE A 135 2.87 -12.56 6.28
N PRO A 136 3.66 -13.25 7.10
CA PRO A 136 4.27 -12.79 8.35
C PRO A 136 5.21 -11.59 8.18
N TRP A 137 5.88 -11.52 7.04
CA TRP A 137 6.77 -10.43 6.80
C TRP A 137 6.09 -9.08 6.54
N GLN A 138 4.77 -9.03 6.62
CA GLN A 138 4.07 -7.78 6.41
C GLN A 138 4.19 -6.89 7.66
N PRO A 139 4.93 -5.77 7.55
CA PRO A 139 5.12 -4.83 8.65
C PRO A 139 3.82 -4.48 9.33
N GLU A 140 2.81 -4.10 8.55
CA GLU A 140 1.49 -3.76 9.06
C GLU A 140 1.01 -4.73 10.16
N VAL A 141 1.35 -6.02 10.02
CA VAL A 141 0.90 -6.97 11.02
C VAL A 141 1.45 -6.63 12.41
N GLU A 142 2.74 -6.31 12.51
CA GLU A 142 3.35 -5.97 13.81
C GLU A 142 2.77 -4.66 14.33
N GLY A 143 2.99 -3.62 13.57
CA GLY A 143 2.49 -2.33 13.96
C GLY A 143 1.05 -2.38 14.37
N PHE A 144 0.27 -3.30 13.83
CA PHE A 144 -1.14 -3.38 14.17
C PHE A 144 -1.34 -3.87 15.58
N VAL A 145 -0.73 -5.00 15.88
CA VAL A 145 -0.75 -5.64 17.19
C VAL A 145 -0.25 -4.65 18.25
N ASP A 146 0.86 -3.99 17.95
CA ASP A 146 1.41 -3.03 18.88
C ASP A 146 0.43 -1.88 19.14
N GLY A 147 -0.33 -1.48 18.13
CA GLY A 147 -1.31 -0.42 18.35
C GLY A 147 -2.42 -0.93 19.27
N ALA A 148 -2.92 -2.13 19.02
CA ALA A 148 -3.98 -2.66 19.85
C ALA A 148 -3.44 -3.04 21.22
N LYS A 149 -2.14 -2.80 21.44
CA LYS A 149 -1.55 -3.06 22.75
C LYS A 149 -1.32 -1.68 23.33
N TYR A 150 -0.65 -0.81 22.60
CA TYR A 150 -0.43 0.51 23.13
C TYR A 150 -1.64 1.12 23.80
N MSE A 151 -2.86 0.83 23.42
CA MSE A 151 -3.86 1.54 24.17
C MSE A 151 -5.19 0.90 24.42
O MSE A 151 -6.22 1.46 24.07
CB MSE A 151 -4.04 2.93 23.59
CG MSE A 151 -4.39 2.97 22.12
SE MSE A 151 -5.95 4.09 21.83
CE MSE A 151 -7.28 2.68 21.87
N ASN A 152 -5.20 -0.23 25.11
CA ASN A 152 -6.47 -0.86 25.35
C ASN A 152 -6.06 -2.26 25.75
N GLU A 153 -4.82 -2.56 25.42
CA GLU A 153 -4.27 -3.87 25.69
C GLU A 153 -5.29 -4.94 25.27
N SER A 154 -5.69 -4.92 24.01
CA SER A 154 -6.63 -5.91 23.49
C SER A 154 -5.86 -7.09 22.89
N GLU A 155 -6.25 -8.30 23.25
CA GLU A 155 -5.61 -9.49 22.70
C GLU A 155 -5.80 -9.49 21.17
N ALA A 156 -4.69 -9.45 20.44
CA ALA A 156 -4.69 -9.43 18.97
C ALA A 156 -4.60 -10.81 18.32
N PHE A 157 -5.44 -11.04 17.32
CA PHE A 157 -5.40 -12.32 16.61
C PHE A 157 -4.91 -12.12 15.20
N VAL A 158 -3.84 -12.85 14.85
CA VAL A 158 -3.27 -12.79 13.53
C VAL A 158 -3.39 -14.13 12.85
N ARG A 159 -4.05 -14.12 11.70
CA ARG A 159 -4.22 -15.32 10.86
C ARG A 159 -3.59 -14.99 9.53
N TYR A 160 -2.89 -15.95 8.94
CA TYR A 160 -2.24 -15.75 7.66
C TYR A 160 -2.93 -16.49 6.54
N VAL A 161 -3.24 -15.79 5.44
CA VAL A 161 -3.82 -16.45 4.27
C VAL A 161 -2.61 -16.93 3.49
N GLY A 162 -2.74 -18.02 2.76
CA GLY A 162 -1.54 -18.40 2.03
C GLY A 162 -1.06 -17.30 1.11
N GLU A 163 -2.00 -16.59 0.47
CA GLU A 163 -1.69 -15.51 -0.47
C GLU A 163 -2.62 -14.27 -0.48
N TRP A 164 -2.51 -13.45 -1.52
CA TRP A 164 -3.31 -12.24 -1.62
C TRP A 164 -4.66 -12.33 -2.31
N THR A 165 -4.92 -13.41 -3.02
CA THR A 165 -6.16 -13.51 -3.75
C THR A 165 -7.13 -14.57 -3.29
N ASP A 166 -6.79 -15.29 -2.23
CA ASP A 166 -7.66 -16.36 -1.74
C ASP A 166 -8.84 -15.89 -0.84
N ALA A 167 -9.85 -15.27 -1.43
CA ALA A 167 -10.97 -14.77 -0.67
C ALA A 167 -11.64 -15.86 0.14
N ASP A 168 -11.57 -17.07 -0.40
CA ASP A 168 -12.16 -18.23 0.22
C ASP A 168 -11.56 -18.42 1.60
N LYS A 169 -10.28 -18.79 1.63
CA LYS A 169 -9.55 -19.02 2.86
C LYS A 169 -9.65 -17.79 3.77
N ALA A 170 -9.42 -16.62 3.21
CA ALA A 170 -9.49 -15.38 3.96
C ALA A 170 -10.82 -15.28 4.67
N LEU A 171 -11.88 -15.72 3.98
CA LEU A 171 -13.19 -15.64 4.58
C LEU A 171 -13.29 -16.69 5.70
N GLU A 172 -12.69 -17.87 5.50
CA GLU A 172 -12.72 -18.87 6.57
C GLU A 172 -12.02 -18.31 7.81
N LEU A 173 -10.86 -17.70 7.63
CA LEU A 173 -10.15 -17.10 8.74
C LEU A 173 -11.04 -16.04 9.40
N PHE A 174 -11.83 -15.31 8.62
CA PHE A 174 -12.74 -14.33 9.21
C PHE A 174 -13.70 -15.05 10.14
N GLN A 175 -14.35 -16.07 9.59
CA GLN A 175 -15.31 -16.90 10.31
C GLN A 175 -14.67 -17.45 11.60
N GLU A 176 -13.55 -18.16 11.45
CA GLU A 176 -12.79 -18.68 12.57
C GLU A 176 -12.65 -17.67 13.73
N LEU A 177 -12.06 -16.51 13.43
CA LEU A 177 -11.87 -15.47 14.42
C LEU A 177 -13.21 -14.94 14.87
N GLN A 178 -14.23 -15.22 14.06
CA GLN A 178 -15.57 -14.78 14.41
C GLN A 178 -15.91 -15.54 15.69
N LYS A 179 -15.76 -16.86 15.62
CA LYS A 179 -16.02 -17.74 16.75
C LYS A 179 -14.99 -17.56 17.87
N GLU A 180 -14.44 -16.37 18.02
CA GLU A 180 -13.44 -16.16 19.07
C GLU A 180 -13.70 -14.78 19.63
N GLN A 181 -14.90 -14.29 19.32
CA GLN A 181 -15.39 -12.99 19.76
C GLN A 181 -14.51 -11.83 19.32
N VAL A 182 -14.01 -11.90 18.08
CA VAL A 182 -13.20 -10.81 17.55
C VAL A 182 -14.22 -9.90 16.86
N ASP A 183 -14.11 -8.60 17.05
CA ASP A 183 -15.08 -7.69 16.48
C ASP A 183 -14.55 -6.53 15.63
N VAL A 184 -13.23 -6.43 15.49
CA VAL A 184 -12.65 -5.40 14.65
C VAL A 184 -11.60 -6.13 13.82
N PHE A 185 -11.74 -6.05 12.49
CA PHE A 185 -10.81 -6.73 11.58
C PHE A 185 -9.95 -5.85 10.63
N TYR A 186 -8.74 -6.35 10.39
CA TYR A 186 -7.77 -5.70 9.53
C TYR A 186 -7.43 -6.74 8.47
N PRO A 187 -8.21 -6.80 7.37
CA PRO A 187 -7.91 -7.80 6.33
C PRO A 187 -6.89 -7.23 5.36
N ALA A 188 -5.63 -7.38 5.74
CA ALA A 188 -4.50 -6.82 5.04
C ALA A 188 -3.98 -7.58 3.83
N GLY A 189 -4.84 -7.66 2.81
CA GLY A 189 -4.51 -8.32 1.56
C GLY A 189 -5.33 -7.65 0.49
N ASP A 190 -4.69 -6.93 -0.43
CA ASP A 190 -5.44 -6.23 -1.51
C ASP A 190 -6.38 -7.14 -2.22
N GLY A 191 -5.87 -8.28 -2.64
CA GLY A 191 -6.73 -9.21 -3.33
C GLY A 191 -8.08 -9.53 -2.70
N TYR A 192 -8.11 -9.95 -1.42
CA TYR A 192 -9.37 -10.35 -0.78
C TYR A 192 -9.99 -9.34 0.13
N HIS A 193 -9.35 -8.20 0.26
CA HIS A 193 -9.83 -7.17 1.15
C HIS A 193 -11.34 -6.90 1.11
N VAL A 194 -11.89 -6.53 -0.04
CA VAL A 194 -13.34 -6.27 -0.09
C VAL A 194 -14.18 -7.50 0.28
N PRO A 195 -13.97 -8.65 -0.41
CA PRO A 195 -14.73 -9.86 -0.05
C PRO A 195 -14.90 -9.97 1.48
N VAL A 196 -13.80 -9.78 2.21
CA VAL A 196 -13.82 -9.86 3.65
C VAL A 196 -14.45 -8.64 4.31
N VAL A 197 -14.25 -7.44 3.76
CA VAL A 197 -14.86 -6.25 4.36
C VAL A 197 -16.37 -6.42 4.30
N GLU A 198 -16.86 -6.85 3.15
CA GLU A 198 -18.28 -7.11 2.94
C GLU A 198 -18.87 -8.02 4.01
N ALA A 199 -18.34 -9.25 4.08
CA ALA A 199 -18.75 -10.27 5.03
C ALA A 199 -18.80 -9.65 6.44
N ILE A 200 -17.93 -8.69 6.68
CA ILE A 200 -17.90 -7.99 7.96
C ILE A 200 -19.10 -7.07 8.04
N LYS A 201 -19.22 -6.14 7.10
CA LYS A 201 -20.35 -5.21 7.10
C LYS A 201 -21.62 -6.02 7.35
N ASP A 202 -21.68 -7.20 6.72
CA ASP A 202 -22.80 -8.11 6.86
C ASP A 202 -22.92 -8.51 8.35
N GLN A 203 -21.89 -9.16 8.90
CA GLN A 203 -21.91 -9.57 10.30
C GLN A 203 -22.14 -8.39 11.21
N GLY A 204 -21.88 -7.19 10.74
CA GLY A 204 -22.08 -6.06 11.62
C GLY A 204 -20.86 -5.74 12.47
N ASP A 205 -19.71 -6.26 12.08
CA ASP A 205 -18.50 -5.95 12.82
C ASP A 205 -17.80 -4.74 12.18
N PHE A 206 -16.68 -4.32 12.76
CA PHE A 206 -15.89 -3.19 12.26
C PHE A 206 -14.62 -3.62 11.51
N ALA A 207 -14.25 -2.89 10.48
CA ALA A 207 -13.03 -3.26 9.78
C ALA A 207 -12.12 -2.05 9.63
N ILE A 208 -10.87 -2.31 9.25
CA ILE A 208 -9.90 -1.24 8.96
C ILE A 208 -9.55 -1.35 7.47
N GLY A 209 -9.70 -0.25 6.72
CA GLY A 209 -9.38 -0.27 5.31
C GLY A 209 -7.91 -0.56 4.98
N TYR A 210 -7.68 -1.15 3.81
CA TYR A 210 -6.33 -1.51 3.39
C TYR A 210 -5.88 -0.87 2.08
N VAL A 211 -4.76 -0.15 2.12
CA VAL A 211 -4.16 0.50 0.95
C VAL A 211 -5.03 1.53 0.26
N GLY A 212 -6.33 1.53 0.52
CA GLY A 212 -7.23 2.50 -0.09
C GLY A 212 -8.13 3.16 0.93
N ASP A 213 -8.66 4.34 0.64
CA ASP A 213 -9.52 5.01 1.60
C ASP A 213 -10.71 4.17 2.05
N GLN A 214 -11.08 3.18 1.25
CA GLN A 214 -12.15 2.24 1.61
C GLN A 214 -13.40 2.72 2.29
N ALA A 215 -13.52 4.00 2.62
CA ALA A 215 -14.74 4.44 3.31
C ALA A 215 -15.98 4.29 2.47
N ASP A 216 -15.97 4.85 1.26
CA ASP A 216 -17.14 4.76 0.40
C ASP A 216 -17.45 3.35 -0.13
N LEU A 217 -16.47 2.46 -0.05
CA LEU A 217 -16.63 1.07 -0.47
C LEU A 217 -16.64 0.25 0.83
N GLY A 218 -17.71 0.50 1.57
CA GLY A 218 -18.00 -0.08 2.86
C GLY A 218 -18.78 1.14 3.33
N GLY A 219 -18.77 1.46 4.61
CA GLY A 219 -19.49 2.65 5.02
C GLY A 219 -19.94 2.53 6.45
N SER A 220 -19.29 3.33 7.31
CA SER A 220 -19.53 3.33 8.75
C SER A 220 -19.05 2.01 9.36
N THR A 221 -18.69 1.03 8.53
CA THR A 221 -18.14 -0.26 8.98
C THR A 221 -16.61 -0.06 8.98
N ILE A 222 -16.18 0.84 8.10
CA ILE A 222 -14.78 1.17 7.92
C ILE A 222 -14.41 2.27 8.89
N LEU A 223 -13.94 1.86 10.07
CA LEU A 223 -13.51 2.76 11.13
C LEU A 223 -12.51 3.73 10.55
N THR A 224 -11.56 3.15 9.81
CA THR A 224 -10.52 3.90 9.13
C THR A 224 -9.79 2.99 8.15
N SER A 225 -8.86 3.56 7.40
CA SER A 225 -8.11 2.81 6.42
C SER A 225 -6.64 3.17 6.49
N THR A 226 -5.77 2.17 6.36
CA THR A 226 -4.33 2.40 6.33
C THR A 226 -3.99 2.66 4.84
N VAL A 227 -4.01 3.92 4.44
CA VAL A 227 -3.79 4.31 3.05
C VAL A 227 -2.36 4.53 2.56
N GLN A 228 -2.07 4.01 1.37
CA GLN A 228 -0.77 4.17 0.73
C GLN A 228 -1.06 4.87 -0.60
N HIS A 229 -0.55 6.09 -0.77
CA HIS A 229 -0.86 6.84 -1.99
C HIS A 229 0.04 6.60 -3.15
N VAL A 230 -0.21 5.49 -3.83
CA VAL A 230 0.55 5.09 -5.01
C VAL A 230 0.45 6.13 -6.12
N ASP A 231 -0.75 6.66 -6.36
CA ASP A 231 -0.93 7.64 -7.42
C ASP A 231 -0.06 8.85 -7.12
N ASP A 232 -0.06 9.24 -5.85
CA ASP A 232 0.76 10.36 -5.42
C ASP A 232 2.25 10.07 -5.53
N LEU A 233 2.66 8.92 -5.05
CA LEU A 233 4.04 8.59 -5.17
C LEU A 233 4.50 8.59 -6.64
N TYR A 234 3.66 8.11 -7.56
CA TYR A 234 4.05 8.10 -8.97
C TYR A 234 4.33 9.49 -9.44
N VAL A 235 3.37 10.39 -9.23
CA VAL A 235 3.53 11.77 -9.62
C VAL A 235 4.79 12.30 -8.92
N LEU A 236 4.86 12.17 -7.61
CA LEU A 236 6.00 12.64 -6.86
C LEU A 236 7.34 12.25 -7.51
N VAL A 237 7.51 10.96 -7.72
CA VAL A 237 8.74 10.41 -8.29
C VAL A 237 8.99 10.88 -9.73
N ALA A 238 7.93 11.18 -10.47
CA ALA A 238 8.07 11.65 -11.87
C ALA A 238 8.42 13.15 -11.92
N LYS A 239 8.20 13.81 -10.79
CA LYS A 239 8.47 15.21 -10.64
C LYS A 239 9.92 15.36 -10.26
N ARG A 240 10.45 14.50 -9.42
CA ARG A 240 11.86 14.64 -9.08
C ARG A 240 12.70 14.27 -10.28
N PHE A 241 12.26 13.28 -11.05
CA PHE A 241 13.04 12.89 -12.21
C PHE A 241 13.07 14.02 -13.23
N GLN A 242 12.06 14.87 -13.19
CA GLN A 242 12.02 15.98 -14.13
C GLN A 242 12.95 17.07 -13.60
N GLU A 243 12.90 17.30 -12.30
CA GLU A 243 13.73 18.32 -11.62
C GLU A 243 15.14 17.77 -11.42
N GLY A 244 15.53 16.82 -12.27
CA GLY A 244 16.85 16.23 -12.14
C GLY A 244 17.19 15.66 -10.76
N LYS A 245 16.36 15.93 -9.76
CA LYS A 245 16.61 15.47 -8.40
C LYS A 245 16.05 14.08 -7.98
N LEU A 246 16.12 13.04 -8.83
CA LEU A 246 15.63 11.71 -8.42
C LEU A 246 16.76 10.72 -8.17
N GLU A 247 16.89 10.30 -6.92
CA GLU A 247 17.91 9.35 -6.54
C GLU A 247 17.81 8.01 -7.23
N SER A 248 18.79 7.17 -6.95
CA SER A 248 18.85 5.84 -7.52
C SER A 248 18.87 4.89 -6.33
N GLY A 249 18.61 3.62 -6.60
CA GLY A 249 18.58 2.64 -5.54
C GLY A 249 17.22 2.55 -4.86
N ASN A 250 17.18 1.88 -3.72
CA ASN A 250 15.93 1.68 -3.01
C ASN A 250 15.51 2.80 -2.08
N LEU A 251 14.37 3.40 -2.41
CA LEU A 251 13.84 4.49 -1.60
C LEU A 251 12.66 4.03 -0.75
N TYR A 252 12.56 4.54 0.48
CA TYR A 252 11.46 4.15 1.38
C TYR A 252 10.57 5.30 1.78
N TYR A 253 9.25 5.12 1.66
CA TYR A 253 8.29 6.18 1.99
C TYR A 253 7.34 5.82 3.12
N ASP A 254 6.99 6.82 3.94
CA ASP A 254 6.13 6.57 5.10
C ASP A 254 5.31 7.81 5.40
N PHE A 255 4.78 7.91 6.62
CA PHE A 255 3.97 9.08 7.00
C PHE A 255 4.70 10.42 6.84
N GLN A 256 6.00 10.40 7.08
CA GLN A 256 6.82 11.60 6.97
C GLN A 256 6.95 12.10 5.52
N ASP A 257 6.95 11.18 4.56
CA ASP A 257 7.09 11.59 3.16
C ASP A 257 5.77 12.04 2.54
N GLY A 258 4.68 11.91 3.29
CA GLY A 258 3.36 12.34 2.81
C GLY A 258 2.55 11.45 1.86
N VAL A 259 2.99 10.20 1.68
CA VAL A 259 2.31 9.32 0.79
C VAL A 259 1.78 8.11 1.54
N VAL A 260 1.61 8.31 2.84
CA VAL A 260 1.06 7.27 3.71
C VAL A 260 0.21 7.99 4.72
N SER A 261 -0.99 7.47 4.96
CA SER A 261 -1.87 8.11 5.92
C SER A 261 -2.96 7.19 6.50
N LEU A 262 -3.95 7.82 7.12
CA LEU A 262 -5.09 7.10 7.65
C LEU A 262 -6.28 7.63 6.89
N GLY A 263 -7.30 6.79 6.72
CA GLY A 263 -8.48 7.18 5.98
C GLY A 263 -9.48 7.95 6.83
N GLU A 264 -10.46 8.58 6.17
CA GLU A 264 -11.43 9.36 6.90
C GLU A 264 -12.06 8.46 7.93
N PHE A 265 -12.01 8.91 9.18
CA PHE A 265 -12.58 8.13 10.27
C PHE A 265 -14.06 7.99 10.09
N SER A 266 -14.61 6.97 10.70
CA SER A 266 -16.02 6.74 10.65
C SER A 266 -16.70 7.69 11.66
N SER A 267 -17.95 8.03 11.36
CA SER A 267 -18.78 8.89 12.21
C SER A 267 -18.77 8.23 13.59
N VAL A 268 -18.79 6.90 13.54
CA VAL A 268 -18.80 6.04 14.70
C VAL A 268 -17.66 6.31 15.69
N VAL A 269 -16.47 6.58 15.19
CA VAL A 269 -15.36 6.82 16.10
C VAL A 269 -15.52 8.06 16.94
N PRO A 270 -15.41 7.92 18.25
CA PRO A 270 -15.52 9.07 19.13
C PRO A 270 -14.48 10.08 18.73
N ASP A 271 -14.89 11.34 18.69
CA ASP A 271 -14.03 12.45 18.29
C ASP A 271 -12.74 12.58 19.11
N GLU A 272 -12.63 11.86 20.22
CA GLU A 272 -11.41 11.93 21.04
C GLU A 272 -10.38 10.92 20.57
N VAL A 273 -10.85 9.70 20.31
CA VAL A 273 -9.98 8.64 19.82
C VAL A 273 -9.19 9.18 18.62
N ARG A 274 -9.86 9.92 17.75
CA ARG A 274 -9.21 10.49 16.58
C ARG A 274 -8.06 11.33 17.06
N GLU A 275 -8.40 12.48 17.66
CA GLU A 275 -7.44 13.45 18.18
C GLU A 275 -6.18 12.77 18.70
N GLN A 276 -6.36 11.74 19.52
CA GLN A 276 -5.25 11.02 20.08
C GLN A 276 -4.25 10.52 19.03
N ILE A 277 -4.80 9.85 18.01
CA ILE A 277 -4.04 9.29 16.87
C ILE A 277 -3.50 10.39 15.97
N THR A 278 -4.40 11.27 15.55
CA THR A 278 -4.02 12.38 14.70
C THR A 278 -2.79 13.04 15.33
N ASP A 279 -2.74 13.03 16.67
CA ASP A 279 -1.60 13.59 17.39
C ASP A 279 -0.42 12.64 17.43
N ALA A 280 -0.68 11.35 17.62
CA ALA A 280 0.39 10.35 17.64
C ALA A 280 1.08 10.37 16.28
N ILE A 281 0.29 10.47 15.22
CA ILE A 281 0.83 10.50 13.88
C ILE A 281 1.74 11.71 13.69
N SER A 282 1.23 12.88 14.03
CA SER A 282 2.00 14.12 13.89
C SER A 282 3.29 14.01 14.69
N THR A 283 3.18 13.41 15.87
CA THR A 283 4.35 13.22 16.71
C THR A 283 5.36 12.37 15.96
N TYR A 284 4.91 11.18 15.55
CA TYR A 284 5.74 10.23 14.80
C TYR A 284 6.29 10.90 13.53
N ILE A 285 5.51 11.77 12.90
CA ILE A 285 6.03 12.44 11.72
C ILE A 285 7.27 13.31 12.06
N GLN A 286 7.28 13.96 13.24
CA GLN A 286 8.41 14.80 13.64
C GLN A 286 9.46 14.03 14.45
N THR A 287 9.00 13.37 15.50
CA THR A 287 9.89 12.57 16.36
C THR A 287 10.39 11.37 15.58
N GLY A 288 9.47 10.42 15.40
CA GLY A 288 9.80 9.19 14.69
C GLY A 288 9.54 8.08 15.66
N GLN A 289 8.67 8.35 16.63
CA GLN A 289 8.36 7.34 17.62
C GLN A 289 6.89 7.22 17.93
N PHE A 290 6.54 6.02 18.38
CA PHE A 290 5.18 5.68 18.68
C PHE A 290 4.84 5.90 20.14
N PRO A 291 3.59 6.26 20.41
CA PRO A 291 3.07 6.53 21.75
C PRO A 291 3.37 5.49 22.82
N HIS A 292 4.58 4.98 22.88
CA HIS A 292 4.90 4.04 23.95
C HIS A 292 6.40 4.01 24.21
#